data_8YKL
#
_entry.id   8YKL
#
_cell.length_a   79.709
_cell.length_b   94.876
_cell.length_c   98.320
_cell.angle_alpha   90.000
_cell.angle_beta   90.000
_cell.angle_gamma   90.000
#
_symmetry.space_group_name_H-M   'P 21 21 21'
#
loop_
_entity.id
_entity.type
_entity.pdbx_description
1 polymer ORF1a
2 non-polymer N-(4-tert-butylphenyl)-N-[(1R)-2-(cyclohexylamino)-2-oxo-1-(pyridin-3-yl)ethyl]-1H-imidazole-4-carboxamide
3 water water
#
_entity_poly.entity_id   1
_entity_poly.type   'polypeptide(L)'
_entity_poly.pdbx_seq_one_letter_code
;GLVKMSHPSGDVEACMVQVTCGSMTLNGLWLDNTVWCPRHVMCPADQLSDPNYDALLISMTNHSFSVQKHIGAPANLRVV
GHAMQGTLLKLTVDVANPSTPAYTFTTVKPGAAFSVLACYNGRPTGTFTVVMRPNYTIKGSFLCGSAGSVGYTKEGSVIN
FCYMHQMELANGTHTGSAFDGTMYGAFMDKQVHQVQLTDKYCSVNVVAWLYAAILNGCAWFVKPNRTSVVSFNEWALANQ
FTEFVGTQSVDMLAVKTGVAIEQLLYAIQQLYTGFQGKQILGSTMLEDEFTPEDVNMQIM
;
_entity_poly.pdbx_strand_id   A,B
#
loop_
_chem_comp.id
_chem_comp.type
_chem_comp.name
_chem_comp.formula
X77 non-polymer N-(4-tert-butylphenyl)-N-[(1R)-2-(cyclohexylamino)-2-oxo-1-(pyridin-3-yl)ethyl]-1H-imidazole-4-carboxamide 'C27 H33 N5 O2'
#
# COMPACT_ATOMS: atom_id res chain seq x y z
N LEU A 2 2.39 -8.92 -8.18
CA LEU A 2 2.22 -7.49 -8.46
C LEU A 2 1.29 -6.78 -7.47
N VAL A 3 1.85 -6.29 -6.38
CA VAL A 3 1.06 -5.59 -5.39
C VAL A 3 1.35 -4.10 -5.52
N LYS A 4 0.43 -3.30 -5.01
CA LYS A 4 0.70 -1.88 -4.82
C LYS A 4 1.70 -1.72 -3.68
N MET A 5 2.94 -1.40 -4.01
CA MET A 5 4.00 -1.27 -3.03
C MET A 5 4.24 0.19 -2.70
N SER A 6 4.39 0.49 -1.40
CA SER A 6 4.83 1.79 -0.92
C SER A 6 6.19 1.69 -0.25
N HIS A 7 6.90 2.82 -0.18
CA HIS A 7 8.12 2.86 0.62
C HIS A 7 7.75 2.76 2.10
N PRO A 8 8.62 2.19 2.93
CA PRO A 8 8.38 2.26 4.38
C PRO A 8 8.28 3.73 4.79
N SER A 9 7.31 4.04 5.65
CA SER A 9 6.96 5.43 5.91
C SER A 9 7.64 6.03 7.13
N GLY A 10 8.45 5.27 7.86
CA GLY A 10 8.99 5.74 9.13
C GLY A 10 9.75 7.04 9.01
N ASP A 11 10.62 7.15 8.00
CA ASP A 11 11.43 8.37 7.84
C ASP A 11 10.55 9.60 7.74
N VAL A 12 9.43 9.50 7.03
CA VAL A 12 8.57 10.65 6.81
C VAL A 12 7.65 10.88 8.01
N GLU A 13 7.19 9.81 8.65
CA GLU A 13 6.38 9.94 9.87
C GLU A 13 7.06 10.85 10.88
N ALA A 14 8.37 10.70 11.06
CA ALA A 14 9.10 11.49 12.03
C ALA A 14 9.16 12.98 11.69
N CYS A 15 8.67 13.37 10.51
CA CYS A 15 8.67 14.76 10.07
C CYS A 15 7.29 15.42 10.12
N MET A 16 6.24 14.67 10.42
CA MET A 16 4.90 15.23 10.31
C MET A 16 4.56 16.02 11.58
N VAL A 17 4.00 17.21 11.38
CA VAL A 17 3.55 18.06 12.48
C VAL A 17 2.15 18.55 12.14
N GLN A 18 1.48 19.12 13.14
CA GLN A 18 0.19 19.78 12.97
C GLN A 18 0.42 21.28 12.99
N VAL A 19 -0.16 21.98 12.02
CA VAL A 19 -0.04 23.43 11.90
C VAL A 19 -1.44 24.02 12.03
N THR A 20 -1.60 24.98 12.94
CA THR A 20 -2.88 25.67 13.09
C THR A 20 -2.67 27.17 12.91
N CYS A 21 -3.64 27.81 12.26
CA CYS A 21 -3.63 29.26 12.07
C CYS A 21 -5.09 29.68 12.13
N GLY A 22 -5.43 30.45 13.15
CA GLY A 22 -6.82 30.81 13.37
C GLY A 22 -7.68 29.56 13.52
N SER A 23 -8.70 29.45 12.67
CA SER A 23 -9.63 28.33 12.71
C SER A 23 -9.23 27.21 11.77
N MET A 24 -8.07 27.29 11.13
CA MET A 24 -7.62 26.27 10.18
C MET A 24 -6.56 25.40 10.82
N THR A 25 -6.68 24.08 10.60
CA THR A 25 -5.68 23.14 11.10
C THR A 25 -5.41 22.09 10.02
N LEU A 26 -4.14 21.77 9.82
CA LEU A 26 -3.76 20.77 8.82
C LEU A 26 -2.36 20.25 9.18
N ASN A 27 -1.76 19.51 8.26
CA ASN A 27 -0.46 18.89 8.47
C ASN A 27 0.66 19.74 7.88
N GLY A 28 1.84 19.62 8.47
CA GLY A 28 3.04 20.23 7.92
C GLY A 28 4.19 19.25 7.94
N LEU A 29 5.22 19.56 7.15
CA LEU A 29 6.42 18.74 7.05
C LEU A 29 7.58 19.51 7.66
N TRP A 30 8.17 18.94 8.70
CA TRP A 30 9.25 19.56 9.47
C TRP A 30 10.58 19.01 8.98
N LEU A 31 11.34 19.81 8.25
CA LEU A 31 12.67 19.43 7.81
C LEU A 31 13.66 20.47 8.32
N ASP A 32 14.64 20.02 9.12
CA ASP A 32 15.63 20.91 9.72
C ASP A 32 14.90 22.03 10.44
N ASN A 33 15.15 23.31 10.12
CA ASN A 33 14.48 24.42 10.80
C ASN A 33 13.27 24.96 10.05
N THR A 34 12.72 24.21 9.11
CA THR A 34 11.61 24.67 8.29
C THR A 34 10.40 23.75 8.48
N VAL A 35 9.23 24.34 8.61
CA VAL A 35 7.97 23.60 8.52
C VAL A 35 7.24 24.09 7.27
N TRP A 36 6.97 23.17 6.35
CA TRP A 36 6.23 23.39 5.12
C TRP A 36 4.77 23.04 5.31
N CYS A 37 3.87 23.87 4.79
CA CYS A 37 2.46 23.53 4.86
C CYS A 37 1.71 24.33 3.80
N PRO A 38 0.49 23.91 3.44
CA PRO A 38 -0.26 24.67 2.42
C PRO A 38 -0.56 26.07 2.92
N ARG A 39 -0.47 27.05 2.02
CA ARG A 39 -0.73 28.42 2.45
C ARG A 39 -2.19 28.65 2.79
N HIS A 40 -3.11 27.76 2.34
CA HIS A 40 -4.51 28.00 2.65
C HIS A 40 -4.84 27.77 4.13
N VAL A 41 -3.87 27.39 4.96
CA VAL A 41 -4.06 27.44 6.40
C VAL A 41 -4.32 28.86 6.87
N MET A 42 -3.96 29.87 6.07
CA MET A 42 -4.16 31.27 6.42
C MET A 42 -5.52 31.80 5.99
N CYS A 43 -6.27 31.04 5.24
CA CYS A 43 -7.51 31.54 4.66
C CYS A 43 -8.61 31.60 5.70
N PRO A 44 -9.30 32.74 5.86
CA PRO A 44 -10.42 32.81 6.80
C PRO A 44 -11.61 32.00 6.30
N ALA A 45 -12.44 31.54 7.23
CA ALA A 45 -13.60 30.75 6.85
C ALA A 45 -14.58 31.56 6.01
N ASP A 46 -14.51 32.89 6.07
CA ASP A 46 -15.43 33.76 5.34
C ASP A 46 -14.90 34.20 3.98
N GLN A 47 -13.67 33.82 3.62
CA GLN A 47 -13.09 34.24 2.34
C GLN A 47 -12.59 33.03 1.55
N LEU A 48 -13.25 31.88 1.71
CA LEU A 48 -12.83 30.66 1.01
C LEU A 48 -12.76 30.86 -0.49
N SER A 49 -13.65 31.67 -1.06
CA SER A 49 -13.73 31.77 -2.51
C SER A 49 -12.82 32.83 -3.11
N ASP A 50 -12.27 33.73 -2.32
CA ASP A 50 -11.40 34.73 -2.93
C ASP A 50 -10.35 35.27 -1.98
N PRO A 51 -9.49 34.41 -1.42
CA PRO A 51 -8.47 34.91 -0.48
C PRO A 51 -7.39 35.66 -1.23
N ASN A 52 -6.86 36.69 -0.57
CA ASN A 52 -5.70 37.42 -1.09
C ASN A 52 -4.54 36.99 -0.22
N TYR A 53 -3.71 36.09 -0.74
CA TYR A 53 -2.68 35.46 0.08
C TYR A 53 -1.54 36.43 0.38
N ASP A 54 -1.25 37.34 -0.55
CA ASP A 54 -0.29 38.41 -0.26
C ASP A 54 -0.75 39.23 0.94
N ALA A 55 -2.02 39.63 0.94
CA ALA A 55 -2.57 40.40 2.06
C ALA A 55 -2.52 39.58 3.34
N LEU A 56 -2.99 38.33 3.28
CA LEU A 56 -3.05 37.51 4.48
C LEU A 56 -1.66 37.32 5.07
N LEU A 57 -0.64 37.22 4.21
CA LEU A 57 0.71 37.03 4.71
C LEU A 57 1.17 38.24 5.52
N ILE A 58 0.89 39.45 5.03
CA ILE A 58 1.23 40.67 5.77
C ILE A 58 0.57 40.65 7.14
N SER A 59 -0.73 40.34 7.20
CA SER A 59 -1.48 40.37 8.45
C SER A 59 -0.99 39.34 9.46
N MET A 60 -0.20 38.36 9.03
CA MET A 60 0.30 37.35 9.95
C MET A 60 1.57 37.83 10.62
N THR A 61 1.79 37.35 11.84
CA THR A 61 3.07 37.40 12.51
C THR A 61 3.47 35.98 12.87
N ASN A 62 4.71 35.83 13.37
CA ASN A 62 5.15 34.53 13.84
C ASN A 62 4.18 33.92 14.84
N HIS A 63 3.50 34.74 15.64
CA HIS A 63 2.57 34.25 16.65
C HIS A 63 1.23 33.77 16.08
N SER A 64 0.98 33.96 14.79
CA SER A 64 -0.26 33.47 14.22
C SER A 64 -0.28 31.98 13.94
N PHE A 65 0.86 31.28 14.06
CA PHE A 65 0.95 29.87 13.72
C PHE A 65 1.37 29.06 14.94
N SER A 66 0.61 28.02 15.25
CA SER A 66 0.98 27.05 16.27
C SER A 66 1.42 25.76 15.59
N VAL A 67 2.56 25.23 15.98
CA VAL A 67 3.07 23.98 15.42
C VAL A 67 3.28 22.98 16.54
N GLN A 68 2.70 21.78 16.38
CA GLN A 68 2.80 20.69 17.35
C GLN A 68 3.26 19.41 16.67
N LYS A 69 4.20 18.70 17.29
CA LYS A 69 4.56 17.34 16.90
C LYS A 69 3.97 16.37 17.92
N HIS A 70 3.11 15.45 17.45
CA HIS A 70 2.43 14.49 18.31
C HIS A 70 3.11 13.13 18.33
N ILE A 71 3.50 12.64 17.15
CA ILE A 71 4.13 11.34 17.00
C ILE A 71 5.48 11.33 17.72
N GLY A 72 5.91 10.14 18.11
CA GLY A 72 7.29 9.95 18.53
C GLY A 72 7.69 10.86 19.67
N ALA A 73 8.83 11.55 19.49
CA ALA A 73 9.38 12.52 20.44
C ALA A 73 8.66 13.85 20.29
N PRO A 74 7.80 14.23 21.23
CA PRO A 74 6.87 15.35 21.02
C PRO A 74 7.49 16.74 21.21
N ALA A 75 6.64 17.77 21.00
CA ALA A 75 6.85 19.23 21.02
C ALA A 75 5.74 19.79 20.12
N ASN A 76 5.30 21.07 20.15
CA ASN A 76 5.68 22.28 20.91
C ASN A 76 6.94 22.97 20.32
N LEU A 77 6.79 23.44 19.09
CA LEU A 77 7.79 24.18 18.35
C LEU A 77 7.43 25.66 18.40
N ARG A 78 8.44 26.52 18.31
CA ARG A 78 8.23 27.96 18.30
C ARG A 78 8.55 28.49 16.91
N VAL A 79 7.59 29.16 16.28
CA VAL A 79 7.79 29.74 14.96
C VAL A 79 8.55 31.05 15.13
N VAL A 80 9.65 31.21 14.41
CA VAL A 80 10.47 32.40 14.50
C VAL A 80 10.62 33.10 13.16
N GLY A 81 9.91 32.62 12.15
CA GLY A 81 9.89 33.27 10.85
C GLY A 81 8.83 32.67 9.95
N HIS A 82 8.35 33.45 8.98
CA HIS A 82 7.35 32.94 8.06
C HIS A 82 7.55 33.60 6.70
N ALA A 83 7.37 32.79 5.67
CA ALA A 83 7.48 33.26 4.30
C ALA A 83 6.54 32.41 3.45
N MET A 84 6.27 32.87 2.24
CA MET A 84 5.37 32.18 1.36
C MET A 84 6.08 31.89 0.04
N GLN A 85 5.86 30.70 -0.50
CA GLN A 85 6.58 30.26 -1.69
C GLN A 85 5.57 29.60 -2.61
N GLY A 86 5.07 30.34 -3.59
CA GLY A 86 4.00 29.84 -4.43
C GLY A 86 2.80 29.53 -3.56
N THR A 87 2.34 28.27 -3.59
CA THR A 87 1.18 27.84 -2.81
C THR A 87 1.55 27.25 -1.45
N LEU A 88 2.78 27.41 -0.99
CA LEU A 88 3.21 26.83 0.27
C LEU A 88 3.62 27.91 1.26
N LEU A 89 3.39 27.64 2.54
CA LEU A 89 4.04 28.40 3.60
C LEU A 89 5.35 27.74 3.98
N LYS A 90 6.33 28.58 4.22
CA LYS A 90 7.64 28.17 4.71
C LYS A 90 7.82 28.84 6.08
N LEU A 91 7.55 28.10 7.14
CA LEU A 91 7.75 28.58 8.50
C LEU A 91 9.13 28.17 8.98
N THR A 92 9.81 29.08 9.67
CA THR A 92 11.05 28.78 10.34
C THR A 92 10.77 28.57 11.83
N VAL A 93 11.25 27.46 12.36
CA VAL A 93 11.08 27.14 13.77
C VAL A 93 12.44 27.11 14.43
N ASP A 94 12.45 27.19 15.75
CA ASP A 94 13.70 27.42 16.45
C ASP A 94 14.39 26.13 16.88
N VAL A 95 13.84 24.97 16.52
CA VAL A 95 14.50 23.67 16.75
C VAL A 95 14.62 22.95 15.42
N ALA A 96 15.81 22.43 15.13
CA ALA A 96 16.00 21.63 13.92
C ALA A 96 15.51 20.21 14.17
N ASN A 97 14.69 19.69 13.26
CA ASN A 97 14.15 18.35 13.44
C ASN A 97 15.30 17.36 13.57
N PRO A 98 15.44 16.67 14.70
CA PRO A 98 16.59 15.76 14.88
C PRO A 98 16.48 14.48 14.07
N SER A 99 15.35 14.24 13.43
CA SER A 99 15.15 13.06 12.60
C SER A 99 14.95 13.43 11.13
N THR A 100 15.51 14.55 10.68
CA THR A 100 15.39 14.94 9.28
C THR A 100 16.12 13.93 8.40
N PRO A 101 15.46 13.30 7.42
CA PRO A 101 16.19 12.45 6.48
C PRO A 101 16.97 13.29 5.49
N ALA A 102 18.00 12.66 4.90
CA ALA A 102 18.54 13.20 3.66
C ALA A 102 17.43 13.32 2.63
N TYR A 103 17.35 14.48 1.97
CA TYR A 103 16.17 14.73 1.13
C TYR A 103 16.51 15.67 -0.03
N THR A 104 15.67 15.58 -1.07
CA THR A 104 15.65 16.50 -2.19
C THR A 104 14.21 16.88 -2.51
N PHE A 105 14.05 17.91 -3.33
CA PHE A 105 12.75 18.37 -3.82
C PHE A 105 12.80 18.23 -5.32
N THR A 106 12.07 17.28 -5.88
CA THR A 106 11.98 17.19 -7.33
C THR A 106 10.53 16.99 -7.72
N THR A 107 10.13 17.68 -8.77
CA THR A 107 8.78 17.56 -9.32
C THR A 107 8.63 16.26 -10.09
N VAL A 108 7.51 15.55 -9.86
CA VAL A 108 7.26 14.32 -10.60
C VAL A 108 6.52 14.65 -11.90
N LYS A 109 6.64 13.75 -12.87
CA LYS A 109 5.99 13.88 -14.16
C LYS A 109 4.84 12.89 -14.26
N PRO A 110 3.92 13.12 -15.18
CA PRO A 110 2.81 12.19 -15.35
C PRO A 110 3.28 10.77 -15.63
N GLY A 111 2.57 9.80 -15.05
CA GLY A 111 2.94 8.41 -15.16
C GLY A 111 3.89 7.92 -14.07
N ALA A 112 4.62 8.83 -13.42
CA ALA A 112 5.55 8.42 -12.36
C ALA A 112 4.79 8.10 -11.07
N ALA A 113 5.29 7.12 -10.34
CA ALA A 113 4.68 6.65 -9.10
C ALA A 113 5.39 7.25 -7.89
N PHE A 114 4.61 7.49 -6.82
CA PHE A 114 5.22 7.85 -5.55
C PHE A 114 4.33 7.38 -4.40
N SER A 115 4.95 7.29 -3.22
CA SER A 115 4.25 6.89 -2.01
C SER A 115 3.68 8.13 -1.33
N VAL A 116 2.53 7.95 -0.68
CA VAL A 116 1.86 9.03 0.02
C VAL A 116 1.65 8.60 1.47
N LEU A 117 1.95 9.48 2.40
CA LEU A 117 1.67 9.25 3.80
C LEU A 117 0.48 10.13 4.17
N ALA A 118 -0.68 9.52 4.36
CA ALA A 118 -1.88 10.27 4.71
C ALA A 118 -1.89 10.57 6.20
N CYS A 119 -2.12 11.84 6.56
CA CYS A 119 -2.10 12.29 7.95
C CYS A 119 -3.30 13.19 8.25
N TYR A 120 -3.72 13.17 9.51
CA TYR A 120 -4.83 13.99 9.97
C TYR A 120 -4.42 14.57 11.32
N ASN A 121 -4.49 15.90 11.44
CA ASN A 121 -4.08 16.59 12.65
C ASN A 121 -2.67 16.21 13.05
N GLY A 122 -1.80 16.03 12.05
CA GLY A 122 -0.42 15.69 12.34
C GLY A 122 -0.16 14.26 12.73
N ARG A 123 -1.16 13.38 12.61
CA ARG A 123 -0.98 11.97 12.93
C ARG A 123 -1.03 11.15 11.66
N PRO A 124 0.02 10.43 11.30
CA PRO A 124 -0.05 9.51 10.15
C PRO A 124 -1.09 8.42 10.39
N THR A 125 -1.94 8.18 9.38
CA THR A 125 -2.95 7.13 9.50
C THR A 125 -2.90 6.08 8.40
N GLY A 126 -2.32 6.37 7.24
CA GLY A 126 -2.25 5.34 6.21
C GLY A 126 -1.23 5.74 5.17
N THR A 127 -0.80 4.74 4.39
CA THR A 127 0.10 4.97 3.27
C THR A 127 -0.40 4.17 2.07
N PHE A 128 -0.14 4.73 0.90
CA PHE A 128 -0.54 4.12 -0.36
C PHE A 128 0.34 4.71 -1.45
N THR A 129 0.24 4.13 -2.63
CA THR A 129 1.04 4.57 -3.76
C THR A 129 0.11 5.03 -4.87
N VAL A 130 0.50 6.11 -5.54
CA VAL A 130 -0.28 6.73 -6.60
C VAL A 130 0.63 6.95 -7.79
N VAL A 131 0.03 7.29 -8.93
CA VAL A 131 0.78 7.82 -10.06
C VAL A 131 0.24 9.21 -10.38
N MET A 132 1.13 10.12 -10.72
CA MET A 132 0.71 11.43 -11.18
C MET A 132 -0.04 11.24 -12.50
N ARG A 133 -1.32 11.59 -12.54
CA ARG A 133 -2.13 11.35 -13.72
C ARG A 133 -1.73 12.31 -14.83
N PRO A 134 -1.99 11.95 -16.09
CA PRO A 134 -1.71 12.87 -17.19
C PRO A 134 -2.39 14.23 -17.07
N ASN A 135 -3.53 14.35 -16.38
CA ASN A 135 -4.15 15.65 -16.14
C ASN A 135 -3.71 16.29 -14.82
N TYR A 136 -2.60 15.81 -14.24
CA TYR A 136 -1.94 16.45 -13.10
C TYR A 136 -2.81 16.41 -11.86
N THR A 137 -3.55 15.32 -11.70
CA THR A 137 -4.26 14.97 -10.50
C THR A 137 -3.76 13.62 -10.00
N ILE A 138 -4.16 13.25 -8.78
CA ILE A 138 -3.88 11.89 -8.29
C ILE A 138 -5.15 11.37 -7.64
N LYS A 139 -5.24 10.05 -7.56
CA LYS A 139 -6.38 9.32 -7.00
C LYS A 139 -5.86 8.47 -5.86
N GLY A 140 -5.89 9.02 -4.67
CA GLY A 140 -5.60 8.18 -3.53
C GLY A 140 -6.81 8.20 -2.64
N SER A 141 -6.60 8.07 -1.34
CA SER A 141 -7.67 8.19 -0.37
C SER A 141 -7.32 9.39 0.51
N PHE A 142 -8.02 10.49 0.30
CA PHE A 142 -7.77 11.72 1.06
C PHE A 142 -9.11 12.19 1.59
N LEU A 143 -9.22 12.29 2.91
CA LEU A 143 -10.42 12.79 3.57
C LEU A 143 -10.16 14.20 4.11
N CYS A 144 -11.21 14.79 4.71
CA CYS A 144 -11.11 16.13 5.27
C CYS A 144 -9.96 16.22 6.28
N GLY A 145 -9.17 17.29 6.16
CA GLY A 145 -8.04 17.50 7.05
C GLY A 145 -6.75 16.80 6.63
N SER A 146 -6.73 16.14 5.48
CA SER A 146 -5.51 15.52 5.00
C SER A 146 -4.55 16.51 4.32
N ALA A 147 -4.98 17.74 4.07
CA ALA A 147 -4.09 18.77 3.50
C ALA A 147 -2.74 18.78 4.22
N GLY A 148 -1.65 18.88 3.45
CA GLY A 148 -0.32 18.81 4.00
C GLY A 148 0.27 17.41 4.08
N SER A 149 -0.53 16.38 3.79
CA SER A 149 0.04 15.05 3.61
C SER A 149 1.03 15.09 2.46
N VAL A 150 2.09 14.27 2.54
CA VAL A 150 3.16 14.42 1.56
C VAL A 150 3.33 13.14 0.76
N GLY A 151 3.82 13.33 -0.46
CA GLY A 151 4.17 12.23 -1.34
C GLY A 151 5.66 12.29 -1.63
N TYR A 152 6.25 11.12 -1.82
CA TYR A 152 7.71 11.05 -1.89
C TYR A 152 8.14 9.74 -2.54
N THR A 153 9.37 9.73 -3.04
CA THR A 153 10.07 8.53 -3.46
C THR A 153 11.33 8.42 -2.62
N LYS A 154 12.01 7.27 -2.71
CA LYS A 154 13.26 7.10 -1.97
C LYS A 154 14.25 6.34 -2.83
N GLU A 155 15.48 6.86 -2.92
CA GLU A 155 16.57 6.20 -3.63
C GLU A 155 17.81 6.21 -2.76
N GLY A 156 18.28 5.03 -2.39
CA GLY A 156 19.33 4.97 -1.40
C GLY A 156 18.83 5.56 -0.12
N SER A 157 19.63 6.42 0.50
CA SER A 157 19.23 7.05 1.75
C SER A 157 18.42 8.33 1.54
N VAL A 158 18.17 8.73 0.30
CA VAL A 158 17.65 10.06 0.01
C VAL A 158 16.16 9.98 -0.32
N ILE A 159 15.36 10.69 0.46
CA ILE A 159 13.94 10.86 0.15
C ILE A 159 13.78 12.03 -0.81
N ASN A 160 13.08 11.81 -1.92
CA ASN A 160 12.66 12.91 -2.78
C ASN A 160 11.22 13.25 -2.45
N PHE A 161 11.00 14.41 -1.84
CA PHE A 161 9.65 14.91 -1.60
C PHE A 161 9.12 15.55 -2.88
N CYS A 162 7.98 15.06 -3.39
CA CYS A 162 7.44 15.52 -4.66
C CYS A 162 6.04 16.09 -4.60
N TYR A 163 5.32 15.96 -3.47
CA TYR A 163 3.90 16.29 -3.43
C TYR A 163 3.52 16.67 -2.01
N MET A 164 2.75 17.75 -1.86
CA MET A 164 2.11 18.06 -0.59
C MET A 164 0.63 18.31 -0.89
N HIS A 165 -0.24 17.54 -0.24
CA HIS A 165 -1.64 17.55 -0.63
C HIS A 165 -2.30 18.90 -0.33
N GLN A 166 -3.11 19.37 -1.28
CA GLN A 166 -3.74 20.68 -1.21
C GLN A 166 -5.25 20.64 -1.16
N MET A 167 -5.90 19.94 -2.09
CA MET A 167 -7.35 20.10 -2.19
C MET A 167 -7.99 18.98 -3.00
N GLU A 168 -9.29 18.82 -2.78
CA GLU A 168 -10.14 17.96 -3.59
C GLU A 168 -10.72 18.79 -4.72
N LEU A 169 -10.75 18.22 -5.92
CA LEU A 169 -11.32 18.89 -7.07
C LEU A 169 -12.74 18.40 -7.31
N ALA A 170 -13.42 19.07 -8.25
CA ALA A 170 -14.86 18.89 -8.40
C ALA A 170 -15.23 17.47 -8.84
N ASN A 171 -14.32 16.74 -9.50
CA ASN A 171 -14.64 15.40 -9.98
C ASN A 171 -14.27 14.29 -8.98
N GLY A 172 -14.11 14.62 -7.70
CA GLY A 172 -13.74 13.62 -6.70
C GLY A 172 -12.26 13.28 -6.68
N THR A 173 -11.44 14.14 -7.25
CA THR A 173 -10.04 13.91 -7.54
C THR A 173 -9.21 14.94 -6.77
N HIS A 174 -7.89 14.74 -6.68
CA HIS A 174 -7.06 15.51 -5.74
C HIS A 174 -5.87 16.14 -6.44
N THR A 175 -5.44 17.29 -5.94
CA THR A 175 -4.16 17.83 -6.39
C THR A 175 -3.42 18.49 -5.23
N GLY A 176 -2.17 18.83 -5.51
CA GLY A 176 -1.25 19.30 -4.50
C GLY A 176 -0.12 20.03 -5.18
N SER A 177 0.85 20.42 -4.36
CA SER A 177 1.99 21.22 -4.76
C SER A 177 3.25 20.38 -4.83
N ALA A 178 4.16 20.77 -5.72
CA ALA A 178 5.56 20.43 -5.58
C ALA A 178 6.18 21.37 -4.52
N PHE A 179 7.33 20.96 -3.98
CA PHE A 179 7.89 21.77 -2.91
C PHE A 179 8.63 23.00 -3.42
N ASP A 180 8.67 23.23 -4.73
CA ASP A 180 9.01 24.56 -5.20
C ASP A 180 7.84 25.52 -5.09
N GLY A 181 6.67 25.02 -4.68
CA GLY A 181 5.50 25.85 -4.44
C GLY A 181 4.49 25.84 -5.55
N THR A 182 4.81 25.26 -6.71
CA THR A 182 3.87 25.24 -7.82
C THR A 182 2.85 24.14 -7.62
N MET A 183 1.59 24.46 -7.93
CA MET A 183 0.52 23.47 -7.90
C MET A 183 0.59 22.60 -9.14
N TYR A 184 0.59 21.28 -8.95
CA TYR A 184 0.45 20.39 -10.09
C TYR A 184 -0.82 20.74 -10.86
N GLY A 185 -0.69 20.91 -12.18
CA GLY A 185 -1.84 21.22 -13.00
C GLY A 185 -2.33 22.64 -12.93
N ALA A 186 -1.65 23.50 -12.16
CA ALA A 186 -1.91 24.93 -12.08
C ALA A 186 -3.23 25.26 -11.41
N PHE A 187 -3.82 24.34 -10.66
CA PHE A 187 -5.08 24.63 -9.99
C PHE A 187 -4.88 25.71 -8.92
N MET A 188 -5.95 26.46 -8.64
CA MET A 188 -5.90 27.54 -7.67
C MET A 188 -6.35 27.03 -6.31
N ASP A 189 -5.67 27.46 -5.25
CA ASP A 189 -6.05 27.09 -3.89
C ASP A 189 -7.11 28.04 -3.34
N LYS A 190 -8.30 27.92 -3.93
CA LYS A 190 -9.49 28.68 -3.54
C LYS A 190 -10.71 27.83 -3.77
N GLN A 191 -11.83 28.26 -3.16
CA GLN A 191 -13.14 27.66 -3.44
C GLN A 191 -13.71 28.36 -4.67
N VAL A 192 -13.38 27.81 -5.84
CA VAL A 192 -13.73 28.41 -7.11
C VAL A 192 -13.93 27.28 -8.11
N HIS A 193 -14.87 27.46 -9.04
CA HIS A 193 -15.06 26.47 -10.09
C HIS A 193 -13.82 26.38 -10.96
N GLN A 194 -13.22 25.18 -11.02
CA GLN A 194 -12.10 24.92 -11.91
C GLN A 194 -12.31 23.60 -12.61
N VAL A 195 -11.89 23.55 -13.87
CA VAL A 195 -12.02 22.36 -14.71
C VAL A 195 -10.68 21.67 -14.78
N GLN A 196 -10.69 20.35 -14.67
CA GLN A 196 -9.50 19.54 -14.93
C GLN A 196 -9.59 18.96 -16.32
N LEU A 197 -8.45 18.92 -17.01
CA LEU A 197 -8.38 18.34 -18.34
C LEU A 197 -8.71 16.86 -18.29
N THR A 198 -8.91 16.27 -19.46
CA THR A 198 -9.27 14.86 -19.54
C THR A 198 -8.11 14.00 -19.05
N ASP A 199 -8.44 12.96 -18.28
CA ASP A 199 -7.42 11.97 -17.96
C ASP A 199 -7.07 11.17 -19.22
N LYS A 200 -5.93 10.47 -19.16
CA LYS A 200 -5.48 9.60 -20.23
C LYS A 200 -4.85 8.38 -19.62
N TYR A 201 -4.84 7.28 -20.38
CA TYR A 201 -4.05 6.12 -19.99
C TYR A 201 -2.57 6.41 -20.19
N CYS A 202 -1.77 6.02 -19.21
CA CYS A 202 -0.31 6.16 -19.27
C CYS A 202 0.25 4.98 -20.08
N SER A 203 0.52 5.23 -21.37
CA SER A 203 0.86 4.16 -22.30
C SER A 203 2.06 3.33 -21.83
N VAL A 204 3.10 3.98 -21.31
CA VAL A 204 4.29 3.21 -20.97
C VAL A 204 4.03 2.30 -19.78
N ASN A 205 3.12 2.68 -18.88
CA ASN A 205 2.78 1.82 -17.75
C ASN A 205 1.89 0.66 -18.19
N VAL A 206 1.00 0.90 -19.16
CA VAL A 206 0.24 -0.22 -19.72
C VAL A 206 1.18 -1.22 -20.38
N VAL A 207 2.19 -0.74 -21.12
CA VAL A 207 3.17 -1.65 -21.70
C VAL A 207 3.85 -2.47 -20.61
N ALA A 208 4.26 -1.81 -19.52
CA ALA A 208 4.94 -2.51 -18.43
C ALA A 208 4.06 -3.57 -17.84
N TRP A 209 2.79 -3.26 -17.67
CA TRP A 209 1.85 -4.20 -17.09
C TRP A 209 1.62 -5.41 -17.99
N LEU A 210 1.52 -5.19 -19.31
CA LEU A 210 1.42 -6.32 -20.23
C LEU A 210 2.67 -7.19 -20.19
N TYR A 211 3.86 -6.57 -20.05
CA TYR A 211 5.09 -7.36 -19.84
C TYR A 211 5.01 -8.18 -18.55
N ALA A 212 4.43 -7.60 -17.48
CA ALA A 212 4.28 -8.37 -16.25
C ALA A 212 3.38 -9.57 -16.47
N ALA A 213 2.34 -9.40 -17.28
CA ALA A 213 1.44 -10.49 -17.63
C ALA A 213 2.19 -11.60 -18.37
N ILE A 214 2.99 -11.22 -19.36
CA ILE A 214 3.78 -12.20 -20.10
C ILE A 214 4.71 -12.95 -19.16
N LEU A 215 5.37 -12.21 -18.27
CA LEU A 215 6.30 -12.82 -17.32
C LEU A 215 5.61 -13.81 -16.40
N ASN A 216 4.31 -13.64 -16.18
CA ASN A 216 3.54 -14.53 -15.32
C ASN A 216 2.77 -15.60 -16.11
N GLY A 217 3.09 -15.80 -17.39
CA GLY A 217 2.43 -16.81 -18.20
C GLY A 217 1.08 -16.41 -18.78
N CYS A 218 0.77 -15.13 -18.80
CA CYS A 218 -0.50 -14.63 -19.36
C CYS A 218 -0.13 -13.84 -20.62
N ALA A 219 -0.24 -14.50 -21.78
CA ALA A 219 0.21 -13.89 -23.03
C ALA A 219 -0.76 -14.15 -24.18
N TRP A 220 -2.01 -14.48 -23.88
CA TRP A 220 -3.01 -14.74 -24.92
C TRP A 220 -3.17 -13.58 -25.89
N PHE A 221 -2.89 -12.34 -25.45
CA PHE A 221 -3.07 -11.14 -26.25
C PHE A 221 -1.88 -10.82 -27.17
N VAL A 222 -0.80 -11.59 -27.12
CA VAL A 222 0.38 -11.27 -27.92
C VAL A 222 0.19 -11.88 -29.31
N LYS A 223 0.31 -11.04 -30.33
CA LYS A 223 0.24 -11.44 -31.73
C LYS A 223 1.56 -11.11 -32.40
N PRO A 224 1.85 -11.72 -33.55
CA PRO A 224 3.01 -11.28 -34.33
C PRO A 224 2.90 -9.82 -34.74
N ASN A 225 1.68 -9.34 -34.93
CA ASN A 225 1.46 -8.00 -35.47
C ASN A 225 2.10 -6.93 -34.60
N ARG A 226 2.52 -5.85 -35.24
CA ARG A 226 3.22 -4.75 -34.59
C ARG A 226 2.63 -3.42 -35.04
N THR A 227 2.72 -2.45 -34.13
CA THR A 227 2.47 -1.04 -34.43
C THR A 227 3.72 -0.26 -34.05
N SER A 228 4.24 0.51 -34.99
CA SER A 228 5.42 1.32 -34.70
C SER A 228 5.13 2.32 -33.59
N VAL A 229 6.20 2.77 -32.93
CA VAL A 229 6.03 3.82 -31.92
C VAL A 229 5.40 5.07 -32.52
N VAL A 230 5.86 5.47 -33.71
CA VAL A 230 5.35 6.71 -34.29
C VAL A 230 3.87 6.58 -34.64
N SER A 231 3.47 5.42 -35.18
CA SER A 231 2.07 5.21 -35.52
C SER A 231 1.21 5.07 -34.28
N PHE A 232 1.71 4.38 -33.24
CA PHE A 232 0.98 4.33 -31.97
C PHE A 232 0.76 5.74 -31.43
N ASN A 233 1.80 6.57 -31.45
CA ASN A 233 1.64 7.90 -30.87
C ASN A 233 0.63 8.74 -31.64
N GLU A 234 0.48 8.52 -32.96
CA GLU A 234 -0.60 9.18 -33.69
C GLU A 234 -1.96 8.69 -33.22
N TRP A 235 -2.11 7.36 -33.10
CA TRP A 235 -3.36 6.82 -32.61
C TRP A 235 -3.67 7.28 -31.19
N ALA A 236 -2.64 7.43 -30.35
CA ALA A 236 -2.86 7.80 -28.96
C ALA A 236 -3.48 9.19 -28.83
N LEU A 237 -3.06 10.13 -29.68
CA LEU A 237 -3.64 11.48 -29.68
C LEU A 237 -5.14 11.47 -29.86
N ALA A 238 -5.67 10.46 -30.55
CA ALA A 238 -7.10 10.35 -30.83
C ALA A 238 -7.84 9.44 -29.86
N ASN A 239 -7.15 8.81 -28.91
CA ASN A 239 -7.83 7.85 -28.05
C ASN A 239 -7.50 8.01 -26.57
N GLN A 240 -7.04 9.19 -26.16
CA GLN A 240 -6.74 9.49 -24.75
C GLN A 240 -5.73 8.50 -24.17
N PHE A 241 -4.66 8.26 -24.91
CA PHE A 241 -3.45 7.64 -24.37
C PHE A 241 -2.33 8.66 -24.41
N THR A 242 -1.41 8.57 -23.44
CA THR A 242 -0.23 9.41 -23.50
C THR A 242 0.70 8.96 -24.62
N GLU A 243 1.58 9.88 -25.01
CA GLU A 243 2.66 9.54 -25.91
C GLU A 243 3.58 8.49 -25.28
N PHE A 244 3.86 7.42 -26.02
CA PHE A 244 4.77 6.38 -25.53
C PHE A 244 6.20 6.82 -25.73
N VAL A 245 6.97 6.84 -24.65
CA VAL A 245 8.40 7.12 -24.67
C VAL A 245 9.09 5.93 -24.01
N GLY A 246 9.87 5.20 -24.79
CA GLY A 246 10.56 4.03 -24.26
C GLY A 246 11.67 4.41 -23.31
N THR A 247 12.03 3.47 -22.44
CA THR A 247 13.10 3.67 -21.48
C THR A 247 13.93 2.41 -21.38
N GLN A 248 15.11 2.53 -20.77
CA GLN A 248 15.95 1.36 -20.54
C GLN A 248 15.22 0.35 -19.67
N SER A 249 14.35 0.81 -18.77
CA SER A 249 13.56 -0.12 -17.95
C SER A 249 12.62 -0.96 -18.83
N VAL A 250 11.93 -0.32 -19.76
CA VAL A 250 11.07 -1.07 -20.69
C VAL A 250 11.90 -2.04 -21.53
N ASP A 251 13.04 -1.58 -22.03
CA ASP A 251 13.87 -2.44 -22.88
C ASP A 251 14.31 -3.72 -22.17
N MET A 252 14.52 -3.66 -20.84
CA MET A 252 14.90 -4.86 -20.10
C MET A 252 13.80 -5.90 -20.14
N LEU A 253 12.54 -5.47 -20.03
CA LEU A 253 11.42 -6.39 -20.12
C LEU A 253 11.28 -6.99 -21.51
N ALA A 254 11.49 -6.18 -22.55
CA ALA A 254 11.46 -6.69 -23.93
C ALA A 254 12.54 -7.74 -24.16
N VAL A 255 13.77 -7.44 -23.73
CA VAL A 255 14.84 -8.44 -23.85
C VAL A 255 14.45 -9.72 -23.12
N LYS A 256 13.98 -9.58 -21.87
CA LYS A 256 13.74 -10.76 -21.05
C LYS A 256 12.62 -11.64 -21.63
N THR A 257 11.52 -11.03 -22.07
CA THR A 257 10.41 -11.81 -22.59
C THR A 257 10.57 -12.20 -24.05
N GLY A 258 11.39 -11.49 -24.82
CA GLY A 258 11.42 -11.72 -26.25
C GLY A 258 10.25 -11.15 -27.00
N VAL A 259 9.37 -10.40 -26.34
CA VAL A 259 8.25 -9.74 -26.99
C VAL A 259 8.61 -8.27 -27.16
N ALA A 260 8.54 -7.78 -28.40
CA ALA A 260 8.92 -6.43 -28.71
C ALA A 260 7.87 -5.42 -28.26
N ILE A 261 8.34 -4.22 -27.92
CA ILE A 261 7.45 -3.12 -27.54
C ILE A 261 6.34 -2.95 -28.57
N GLU A 262 6.70 -2.99 -29.86
CA GLU A 262 5.72 -2.75 -30.92
C GLU A 262 4.64 -3.83 -30.99
N GLN A 263 4.94 -5.04 -30.54
CA GLN A 263 3.88 -6.04 -30.42
C GLN A 263 2.87 -5.64 -29.34
N LEU A 264 3.35 -5.09 -28.22
CA LEU A 264 2.44 -4.69 -27.16
C LEU A 264 1.69 -3.42 -27.53
N LEU A 265 2.30 -2.52 -28.32
CA LEU A 265 1.58 -1.33 -28.78
C LEU A 265 0.39 -1.74 -29.65
N TYR A 266 0.59 -2.73 -30.52
CA TYR A 266 -0.51 -3.28 -31.28
C TYR A 266 -1.55 -3.95 -30.38
N ALA A 267 -1.10 -4.67 -29.34
CA ALA A 267 -2.05 -5.34 -28.45
C ALA A 267 -2.92 -4.35 -27.72
N ILE A 268 -2.33 -3.22 -27.28
CA ILE A 268 -3.08 -2.19 -26.57
C ILE A 268 -4.21 -1.67 -27.45
N GLN A 269 -3.90 -1.40 -28.71
CA GLN A 269 -4.91 -0.92 -29.66
C GLN A 269 -6.08 -1.88 -29.75
N GLN A 270 -5.81 -3.18 -29.73
CA GLN A 270 -6.87 -4.17 -29.79
C GLN A 270 -7.57 -4.33 -28.44
N LEU A 271 -6.81 -4.30 -27.34
CA LEU A 271 -7.42 -4.51 -26.03
C LEU A 271 -8.27 -3.31 -25.62
N TYR A 272 -7.91 -2.11 -26.08
CA TYR A 272 -8.74 -0.95 -25.84
C TYR A 272 -10.16 -1.14 -26.38
N THR A 273 -10.29 -1.90 -27.50
CA THR A 273 -11.60 -2.09 -28.09
C THR A 273 -12.49 -2.99 -27.24
N GLY A 274 -11.90 -3.76 -26.34
CA GLY A 274 -12.60 -4.63 -25.41
C GLY A 274 -11.83 -5.93 -25.23
N PHE A 275 -11.90 -6.48 -24.01
CA PHE A 275 -11.19 -7.72 -23.73
C PHE A 275 -11.93 -8.97 -24.21
N GLN A 276 -13.07 -8.80 -24.89
CA GLN A 276 -14.01 -9.89 -25.15
C GLN A 276 -14.30 -10.53 -23.80
N GLY A 277 -14.15 -11.83 -23.63
CA GLY A 277 -14.51 -12.37 -22.32
C GLY A 277 -13.35 -12.61 -21.37
N LYS A 278 -12.20 -12.01 -21.63
CA LYS A 278 -10.97 -12.51 -21.03
C LYS A 278 -10.42 -11.59 -19.96
N GLN A 279 -9.48 -12.12 -19.19
CA GLN A 279 -8.85 -11.40 -18.08
C GLN A 279 -7.35 -11.33 -18.36
N ILE A 280 -6.72 -10.28 -17.82
CA ILE A 280 -5.26 -10.15 -17.78
C ILE A 280 -4.86 -9.81 -16.36
N LEU A 281 -4.06 -10.68 -15.74
CA LEU A 281 -3.60 -10.49 -14.35
C LEU A 281 -4.75 -10.09 -13.42
N GLY A 282 -5.83 -10.87 -13.48
CA GLY A 282 -6.96 -10.63 -12.60
C GLY A 282 -7.71 -9.34 -12.86
N SER A 283 -7.69 -8.86 -14.10
CA SER A 283 -8.32 -7.58 -14.43
C SER A 283 -9.02 -7.69 -15.77
N THR A 284 -10.15 -7.00 -15.90
CA THR A 284 -10.88 -6.95 -17.16
C THR A 284 -10.72 -5.61 -17.86
N MET A 285 -9.79 -4.78 -17.41
CA MET A 285 -9.50 -3.52 -18.06
C MET A 285 -8.00 -3.27 -18.00
N LEU A 286 -7.55 -2.34 -18.83
CA LEU A 286 -6.14 -1.98 -18.85
C LEU A 286 -5.73 -1.31 -17.55
N GLU A 287 -4.54 -1.66 -17.07
CA GLU A 287 -3.99 -1.14 -15.83
C GLU A 287 -2.78 -0.27 -16.17
N ASP A 288 -2.79 0.99 -15.70
CA ASP A 288 -1.71 1.90 -16.03
C ASP A 288 -1.05 2.51 -14.78
N GLU A 289 -1.21 1.90 -13.61
CA GLU A 289 -0.58 2.45 -12.41
C GLU A 289 0.62 1.64 -11.93
N PHE A 290 1.13 0.72 -12.75
CA PHE A 290 2.39 0.03 -12.50
C PHE A 290 3.43 0.51 -13.51
N THR A 291 4.56 1.00 -13.00
CA THR A 291 5.60 1.54 -13.87
C THR A 291 6.54 0.43 -14.35
N PRO A 292 7.32 0.68 -15.40
CA PRO A 292 8.33 -0.31 -15.80
C PRO A 292 9.30 -0.63 -14.67
N GLU A 293 9.70 0.38 -13.88
CA GLU A 293 10.56 0.14 -12.73
C GLU A 293 9.90 -0.77 -11.70
N ASP A 294 8.61 -0.54 -11.40
CA ASP A 294 7.83 -1.44 -10.54
C ASP A 294 7.91 -2.89 -10.98
N VAL A 295 7.67 -3.13 -12.28
CA VAL A 295 7.62 -4.50 -12.77
C VAL A 295 9.01 -5.14 -12.69
N ASN A 296 10.02 -4.38 -13.07
CA ASN A 296 11.40 -4.88 -12.98
C ASN A 296 11.76 -5.20 -11.53
N MET A 297 11.36 -4.35 -10.59
CA MET A 297 11.70 -4.57 -9.18
C MET A 297 10.96 -5.77 -8.61
N GLN A 298 9.65 -5.85 -8.90
CA GLN A 298 8.79 -6.81 -8.22
C GLN A 298 8.87 -8.19 -8.82
N ILE A 299 9.10 -8.31 -10.12
CA ILE A 299 9.09 -9.61 -10.76
C ILE A 299 10.50 -10.09 -11.13
N MET A 300 11.43 -9.20 -11.44
CA MET A 300 12.81 -9.63 -11.71
C MET A 300 13.68 -9.58 -10.45
N GLY B 1 -14.02 3.51 -6.20
CA GLY B 1 -12.78 4.24 -6.03
C GLY B 1 -11.96 3.79 -4.82
N LEU B 2 -11.95 2.48 -4.57
CA LEU B 2 -11.19 1.94 -3.44
C LEU B 2 -9.69 1.96 -3.72
N VAL B 3 -8.88 2.21 -2.70
CA VAL B 3 -7.44 2.12 -2.85
C VAL B 3 -6.87 1.14 -1.82
N LYS B 4 -5.76 0.49 -2.20
CA LYS B 4 -5.04 -0.38 -1.27
C LYS B 4 -4.29 0.50 -0.27
N MET B 5 -4.71 0.48 0.99
CA MET B 5 -4.08 1.31 2.02
C MET B 5 -3.42 0.43 3.08
N SER B 6 -2.21 0.82 3.48
CA SER B 6 -1.49 0.14 4.54
C SER B 6 -1.36 1.05 5.76
N HIS B 7 -1.13 0.44 6.92
CA HIS B 7 -0.83 1.24 8.09
C HIS B 7 0.55 1.88 7.93
N PRO B 8 0.77 3.06 8.49
CA PRO B 8 2.15 3.58 8.59
C PRO B 8 3.05 2.51 9.23
N SER B 9 4.25 2.32 8.67
CA SER B 9 5.09 1.22 9.12
C SER B 9 6.16 1.61 10.13
N GLY B 10 6.28 2.90 10.48
CA GLY B 10 7.41 3.33 11.30
C GLY B 10 7.57 2.56 12.59
N ASP B 11 6.47 2.33 13.30
CA ASP B 11 6.52 1.60 14.57
C ASP B 11 7.15 0.22 14.41
N VAL B 12 6.80 -0.47 13.31
CA VAL B 12 7.30 -1.82 13.07
C VAL B 12 8.72 -1.80 12.55
N GLU B 13 9.06 -0.80 11.72
CA GLU B 13 10.43 -0.68 11.22
C GLU B 13 11.43 -0.67 12.37
N ALA B 14 11.08 0.01 13.47
CA ALA B 14 11.99 0.13 14.60
C ALA B 14 12.21 -1.20 15.32
N CYS B 15 11.44 -2.24 15.00
CA CYS B 15 11.60 -3.55 15.61
C CYS B 15 12.29 -4.56 14.72
N MET B 16 12.62 -4.23 13.47
CA MET B 16 13.18 -5.24 12.58
C MET B 16 14.66 -5.45 12.84
N VAL B 17 15.09 -6.71 12.82
CA VAL B 17 16.51 -7.06 12.97
C VAL B 17 16.87 -8.13 11.94
N GLN B 18 18.16 -8.41 11.82
CA GLN B 18 18.65 -9.49 10.98
C GLN B 18 19.12 -10.60 11.89
N VAL B 19 18.72 -11.84 11.58
CA VAL B 19 19.10 -12.99 12.36
C VAL B 19 19.94 -13.92 11.48
N THR B 20 21.11 -14.31 11.98
CA THR B 20 22.02 -15.19 11.25
C THR B 20 22.30 -16.43 12.08
N CYS B 21 22.15 -17.61 11.46
CA CYS B 21 22.47 -18.88 12.10
C CYS B 21 23.25 -19.72 11.09
N GLY B 22 24.52 -19.95 11.38
CA GLY B 22 25.36 -20.62 10.40
C GLY B 22 25.49 -19.73 9.17
N SER B 23 25.22 -20.33 8.02
CA SER B 23 25.30 -19.62 6.75
C SER B 23 23.95 -19.11 6.27
N MET B 24 22.92 -19.19 7.10
CA MET B 24 21.59 -18.75 6.71
C MET B 24 21.25 -17.44 7.42
N THR B 25 20.53 -16.57 6.73
CA THR B 25 20.21 -15.27 7.28
C THR B 25 18.81 -14.85 6.81
N LEU B 26 18.07 -14.24 7.73
CA LEU B 26 16.74 -13.72 7.41
C LEU B 26 16.41 -12.62 8.41
N ASN B 27 15.13 -12.23 8.46
CA ASN B 27 14.68 -11.13 9.32
C ASN B 27 14.12 -11.65 10.63
N GLY B 28 14.21 -10.81 11.66
CA GLY B 28 13.58 -11.10 12.93
C GLY B 28 12.84 -9.88 13.46
N LEU B 29 11.93 -10.15 14.40
CA LEU B 29 11.13 -9.11 15.04
C LEU B 29 11.54 -8.99 16.51
N TRP B 30 12.02 -7.81 16.89
CA TRP B 30 12.59 -7.54 18.21
C TRP B 30 11.58 -6.78 19.05
N LEU B 31 11.03 -7.46 20.07
CA LEU B 31 10.04 -6.90 20.98
C LEU B 31 10.51 -7.14 22.40
N ASP B 32 10.55 -6.09 23.21
CA ASP B 32 11.12 -6.20 24.56
C ASP B 32 12.47 -6.90 24.49
N ASN B 33 12.63 -8.00 25.24
CA ASN B 33 13.86 -8.78 25.25
C ASN B 33 13.83 -10.00 24.36
N THR B 34 12.93 -10.05 23.37
CA THR B 34 12.73 -11.24 22.57
C THR B 34 12.91 -10.92 21.10
N VAL B 35 13.54 -11.82 20.36
CA VAL B 35 13.60 -11.75 18.90
C VAL B 35 12.91 -12.98 18.34
N TRP B 36 11.86 -12.76 17.54
CA TRP B 36 11.10 -13.80 16.87
C TRP B 36 11.64 -13.96 15.46
N CYS B 37 11.81 -15.21 15.02
CA CYS B 37 12.21 -15.44 13.64
C CYS B 37 11.78 -16.84 13.22
N PRO B 38 11.74 -17.12 11.91
CA PRO B 38 11.38 -18.48 11.47
C PRO B 38 12.45 -19.50 11.84
N ARG B 39 11.99 -20.65 12.34
CA ARG B 39 12.93 -21.66 12.81
C ARG B 39 13.76 -22.24 11.67
N HIS B 40 13.34 -22.06 10.39
CA HIS B 40 14.16 -22.67 9.35
C HIS B 40 15.49 -21.96 9.15
N VAL B 41 15.77 -20.88 9.90
CA VAL B 41 17.12 -20.32 9.85
C VAL B 41 18.14 -21.33 10.39
N MET B 42 17.70 -22.28 11.22
CA MET B 42 18.55 -23.35 11.76
C MET B 42 18.83 -24.47 10.75
N CYS B 43 18.12 -24.50 9.64
CA CYS B 43 18.21 -25.64 8.74
C CYS B 43 19.45 -25.52 7.86
N PRO B 44 20.35 -26.51 7.85
CA PRO B 44 21.51 -26.46 6.94
C PRO B 44 21.06 -26.43 5.48
N ALA B 45 21.86 -25.74 4.66
CA ALA B 45 21.43 -25.45 3.29
C ALA B 45 21.37 -26.68 2.40
N ASP B 46 22.06 -27.76 2.77
CA ASP B 46 22.01 -29.02 2.03
C ASP B 46 20.90 -29.94 2.53
N GLN B 47 20.24 -29.58 3.63
CA GLN B 47 19.34 -30.46 4.36
C GLN B 47 17.91 -29.92 4.35
N LEU B 48 17.53 -29.19 3.30
CA LEU B 48 16.23 -28.55 3.26
C LEU B 48 15.08 -29.54 3.12
N SER B 49 15.35 -30.75 2.62
CA SER B 49 14.30 -31.68 2.21
C SER B 49 13.43 -32.13 3.39
N ASP B 50 14.04 -32.34 4.56
CA ASP B 50 13.24 -32.68 5.74
C ASP B 50 14.09 -32.53 6.99
N PRO B 51 14.13 -31.34 7.59
CA PRO B 51 14.93 -31.15 8.80
C PRO B 51 14.23 -31.65 10.06
N ASN B 52 15.04 -32.04 11.03
CA ASN B 52 14.57 -32.41 12.37
C ASN B 52 14.79 -31.22 13.30
N TYR B 53 13.72 -30.42 13.47
CA TYR B 53 13.86 -29.14 14.18
C TYR B 53 14.04 -29.34 15.68
N ASP B 54 13.47 -30.40 16.25
CA ASP B 54 13.71 -30.69 17.65
C ASP B 54 15.18 -30.99 17.90
N ALA B 55 15.82 -31.70 16.97
CA ALA B 55 17.24 -32.02 17.10
C ALA B 55 18.09 -30.79 16.83
N LEU B 56 17.74 -30.01 15.81
CA LEU B 56 18.49 -28.82 15.49
C LEU B 56 18.53 -27.85 16.66
N LEU B 57 17.40 -27.72 17.37
CA LEU B 57 17.36 -26.85 18.54
C LEU B 57 18.31 -27.32 19.64
N ILE B 58 18.39 -28.65 19.83
CA ILE B 58 19.29 -29.24 20.82
C ILE B 58 20.74 -28.91 20.49
N SER B 59 21.11 -29.05 19.21
CA SER B 59 22.46 -28.81 18.76
C SER B 59 22.87 -27.33 18.81
N MET B 60 21.91 -26.41 18.97
CA MET B 60 22.25 -25.00 19.03
C MET B 60 22.97 -24.70 20.35
N THR B 61 23.88 -23.73 20.32
CA THR B 61 24.63 -23.39 21.51
C THR B 61 24.55 -21.90 21.78
N ASN B 62 25.31 -21.48 22.80
CA ASN B 62 25.25 -20.11 23.33
C ASN B 62 25.29 -19.06 22.21
N HIS B 63 26.11 -19.30 21.19
CA HIS B 63 26.43 -18.30 20.19
C HIS B 63 26.17 -18.82 18.78
N SER B 64 25.26 -19.78 18.65
CA SER B 64 24.82 -20.20 17.33
C SER B 64 24.10 -19.09 16.58
N PHE B 65 23.47 -18.17 17.30
CA PHE B 65 22.66 -17.12 16.67
C PHE B 65 23.34 -15.77 16.79
N SER B 66 23.38 -15.04 15.68
CA SER B 66 23.84 -13.66 15.64
C SER B 66 22.67 -12.76 15.22
N VAL B 67 22.41 -11.72 16.00
CA VAL B 67 21.33 -10.78 15.72
C VAL B 67 21.93 -9.40 15.54
N GLN B 68 21.59 -8.74 14.43
CA GLN B 68 22.10 -7.40 14.12
C GLN B 68 20.95 -6.43 13.88
N LYS B 69 21.03 -5.28 14.53
CA LYS B 69 20.13 -4.16 14.29
C LYS B 69 20.84 -3.20 13.34
N HIS B 70 20.22 -2.92 12.19
CA HIS B 70 20.82 -2.05 11.18
C HIS B 70 20.21 -0.66 11.14
N ILE B 71 18.99 -0.51 11.64
CA ILE B 71 18.20 0.70 11.52
C ILE B 71 18.26 1.44 12.85
N GLY B 72 18.45 2.75 12.79
CA GLY B 72 18.81 3.49 13.98
C GLY B 72 20.30 3.38 14.25
N ALA B 73 20.66 3.41 15.52
CA ALA B 73 22.06 3.19 15.90
C ALA B 73 22.37 1.70 15.76
N PRO B 74 23.25 1.30 14.85
CA PRO B 74 23.49 -0.13 14.62
C PRO B 74 24.13 -0.78 15.84
N ALA B 75 23.79 -2.06 16.04
CA ALA B 75 24.26 -2.79 17.21
C ALA B 75 24.16 -4.28 16.96
N ASN B 76 25.12 -5.02 17.52
CA ASN B 76 24.95 -6.46 17.73
C ASN B 76 24.15 -6.66 19.01
N LEU B 77 23.15 -7.54 18.96
CA LEU B 77 22.35 -7.90 20.13
C LEU B 77 22.73 -9.31 20.56
N ARG B 78 23.27 -9.43 21.76
CA ARG B 78 23.72 -10.74 22.24
C ARG B 78 22.53 -11.63 22.57
N VAL B 79 22.55 -12.84 22.03
CA VAL B 79 21.52 -13.83 22.32
C VAL B 79 21.87 -14.54 23.63
N VAL B 80 20.93 -14.59 24.57
CA VAL B 80 21.16 -15.20 25.88
C VAL B 80 20.28 -16.41 26.16
N GLY B 81 19.33 -16.73 25.30
CA GLY B 81 18.62 -17.99 25.38
C GLY B 81 17.89 -18.23 24.08
N HIS B 82 17.55 -19.49 23.85
CA HIS B 82 16.80 -19.80 22.64
C HIS B 82 15.72 -20.83 22.91
N ALA B 83 14.52 -20.59 22.39
CA ALA B 83 13.40 -21.51 22.51
C ALA B 83 12.69 -21.65 21.17
N MET B 84 11.90 -22.70 21.05
CA MET B 84 11.12 -22.94 19.85
C MET B 84 9.64 -22.96 20.23
N GLN B 85 8.82 -22.32 19.41
CA GLN B 85 7.37 -22.32 19.58
C GLN B 85 6.76 -22.53 18.20
N GLY B 86 6.29 -23.75 17.95
CA GLY B 86 5.78 -24.06 16.62
C GLY B 86 6.88 -23.94 15.58
N THR B 87 6.59 -23.17 14.52
CA THR B 87 7.52 -22.97 13.42
C THR B 87 8.38 -21.71 13.59
N LEU B 88 8.36 -21.09 14.77
CA LEU B 88 9.12 -19.89 15.07
C LEU B 88 10.13 -20.15 16.19
N LEU B 89 11.25 -19.43 16.15
CA LEU B 89 12.17 -19.36 17.27
C LEU B 89 11.89 -18.11 18.09
N LYS B 90 12.14 -18.23 19.37
CA LYS B 90 11.97 -17.15 20.33
C LYS B 90 13.35 -17.01 20.95
N LEU B 91 14.09 -15.98 20.54
CA LEU B 91 15.45 -15.75 21.00
C LEU B 91 15.42 -14.67 22.08
N THR B 92 16.03 -14.93 23.21
CA THR B 92 16.14 -13.92 24.25
C THR B 92 17.45 -13.18 24.06
N VAL B 93 17.39 -11.85 24.08
CA VAL B 93 18.57 -11.02 23.90
C VAL B 93 18.77 -10.17 25.14
N ASP B 94 20.00 -9.72 25.36
CA ASP B 94 20.27 -9.07 26.64
C ASP B 94 19.91 -7.59 26.66
N VAL B 95 19.36 -7.05 25.58
CA VAL B 95 18.94 -5.65 25.52
C VAL B 95 17.50 -5.60 25.06
N ALA B 96 16.67 -4.83 25.76
CA ALA B 96 15.26 -4.70 25.42
C ALA B 96 15.07 -3.59 24.39
N ASN B 97 14.21 -3.84 23.41
CA ASN B 97 13.94 -2.86 22.39
C ASN B 97 13.39 -1.60 23.03
N PRO B 98 14.13 -0.48 23.00
CA PRO B 98 13.63 0.74 23.64
C PRO B 98 12.42 1.31 22.94
N SER B 99 12.13 0.85 21.73
CA SER B 99 10.98 1.31 20.98
C SER B 99 10.02 0.16 20.74
N THR B 100 9.71 -0.61 21.77
CA THR B 100 8.70 -1.66 21.68
C THR B 100 7.32 -1.03 21.72
N PRO B 101 6.50 -1.17 20.68
CA PRO B 101 5.14 -0.65 20.75
C PRO B 101 4.26 -1.54 21.63
N ALA B 102 3.14 -0.97 22.06
CA ALA B 102 2.08 -1.79 22.64
C ALA B 102 1.59 -2.77 21.58
N TYR B 103 1.53 -4.05 21.91
CA TYR B 103 1.26 -5.05 20.88
C TYR B 103 0.50 -6.25 21.44
N THR B 104 -0.17 -6.96 20.53
CA THR B 104 -0.80 -8.25 20.80
C THR B 104 -0.42 -9.23 19.69
N PHE B 105 -0.76 -10.51 19.91
CA PHE B 105 -0.56 -11.59 18.94
C PHE B 105 -1.92 -12.24 18.68
N THR B 106 -2.59 -11.86 17.59
CA THR B 106 -3.85 -12.51 17.23
C THR B 106 -3.74 -13.11 15.83
N THR B 107 -4.31 -14.30 15.67
CA THR B 107 -4.33 -14.97 14.38
C THR B 107 -5.43 -14.38 13.51
N VAL B 108 -5.10 -14.02 12.25
CA VAL B 108 -6.12 -13.45 11.37
C VAL B 108 -6.88 -14.58 10.69
N LYS B 109 -8.10 -14.27 10.29
CA LYS B 109 -9.00 -15.19 9.60
C LYS B 109 -9.03 -14.89 8.11
N PRO B 110 -9.39 -15.86 7.29
CA PRO B 110 -9.44 -15.61 5.85
C PRO B 110 -10.39 -14.47 5.53
N GLY B 111 -10.02 -13.66 4.55
CA GLY B 111 -10.77 -12.48 4.20
C GLY B 111 -10.35 -11.23 4.93
N ALA B 112 -9.68 -11.35 6.08
CA ALA B 112 -9.21 -10.18 6.80
C ALA B 112 -7.94 -9.62 6.18
N ALA B 113 -7.83 -8.30 6.23
CA ALA B 113 -6.72 -7.56 5.64
C ALA B 113 -5.65 -7.28 6.68
N PHE B 114 -4.40 -7.25 6.24
CA PHE B 114 -3.38 -6.74 7.13
C PHE B 114 -2.26 -6.12 6.31
N SER B 115 -1.44 -5.31 6.98
CA SER B 115 -0.30 -4.65 6.37
C SER B 115 0.95 -5.51 6.53
N VAL B 116 1.80 -5.50 5.52
CA VAL B 116 3.05 -6.25 5.53
C VAL B 116 4.21 -5.28 5.34
N LEU B 117 5.23 -5.43 6.17
CA LEU B 117 6.51 -4.74 5.99
C LEU B 117 7.52 -5.74 5.43
N ALA B 118 7.84 -5.62 4.14
CA ALA B 118 8.82 -6.49 3.52
C ALA B 118 10.24 -6.01 3.81
N CYS B 119 11.08 -6.92 4.29
CA CYS B 119 12.44 -6.57 4.66
C CYS B 119 13.41 -7.60 4.08
N TYR B 120 14.65 -7.17 3.95
CA TYR B 120 15.73 -8.00 3.46
C TYR B 120 16.96 -7.70 4.31
N ASN B 121 17.53 -8.73 4.90
CA ASN B 121 18.73 -8.57 5.72
C ASN B 121 18.49 -7.59 6.87
N GLY B 122 17.28 -7.65 7.44
CA GLY B 122 16.92 -6.75 8.50
C GLY B 122 16.64 -5.32 8.09
N ARG B 123 16.49 -5.04 6.80
CA ARG B 123 16.27 -3.67 6.33
C ARG B 123 14.92 -3.58 5.64
N PRO B 124 13.99 -2.77 6.13
CA PRO B 124 12.71 -2.62 5.42
C PRO B 124 12.89 -2.02 4.04
N THR B 125 12.19 -2.60 3.05
CA THR B 125 12.26 -2.10 1.69
C THR B 125 10.91 -1.69 1.11
N GLY B 126 9.79 -2.12 1.69
CA GLY B 126 8.50 -1.78 1.14
C GLY B 126 7.38 -2.25 2.03
N THR B 127 6.20 -1.68 1.78
CA THR B 127 5.03 -2.06 2.54
C THR B 127 3.84 -2.18 1.58
N PHE B 128 2.96 -3.13 1.90
CA PHE B 128 1.79 -3.36 1.08
C PHE B 128 0.74 -4.02 1.97
N THR B 129 -0.46 -4.16 1.44
CA THR B 129 -1.54 -4.80 2.18
C THR B 129 -2.08 -5.99 1.40
N VAL B 130 -2.46 -7.05 2.13
CA VAL B 130 -3.00 -8.27 1.55
C VAL B 130 -4.22 -8.68 2.37
N VAL B 131 -5.01 -9.60 1.82
CA VAL B 131 -6.01 -10.30 2.62
C VAL B 131 -5.58 -11.76 2.74
N MET B 132 -5.83 -12.36 3.90
CA MET B 132 -5.56 -13.79 4.06
C MET B 132 -6.52 -14.55 3.15
N ARG B 133 -5.99 -15.35 2.22
CA ARG B 133 -6.87 -16.08 1.32
C ARG B 133 -7.56 -17.23 2.04
N PRO B 134 -8.70 -17.69 1.51
CA PRO B 134 -9.39 -18.85 2.11
C PRO B 134 -8.55 -20.12 2.11
N ASN B 135 -7.58 -20.28 1.23
CA ASN B 135 -6.66 -21.41 1.30
C ASN B 135 -5.42 -21.11 2.12
N TYR B 136 -5.47 -20.08 2.97
CA TYR B 136 -4.42 -19.76 3.95
C TYR B 136 -3.07 -19.48 3.30
N THR B 137 -3.11 -18.81 2.14
CA THR B 137 -1.94 -18.23 1.53
C THR B 137 -2.18 -16.74 1.39
N ILE B 138 -1.13 -15.99 1.04
CA ILE B 138 -1.33 -14.59 0.67
C ILE B 138 -0.63 -14.30 -0.64
N LYS B 139 -1.15 -13.30 -1.35
CA LYS B 139 -0.62 -12.89 -2.65
C LYS B 139 0.28 -11.69 -2.40
N GLY B 140 1.48 -11.97 -1.92
CA GLY B 140 2.39 -10.91 -1.56
C GLY B 140 3.35 -10.58 -2.68
N SER B 141 4.22 -9.62 -2.42
CA SER B 141 5.38 -9.38 -3.26
C SER B 141 6.59 -9.58 -2.36
N PHE B 142 7.14 -10.80 -2.38
CA PHE B 142 8.23 -11.24 -1.53
C PHE B 142 9.29 -11.89 -2.41
N LEU B 143 10.53 -11.44 -2.29
CA LEU B 143 11.66 -12.02 -3.00
C LEU B 143 12.50 -12.86 -2.03
N CYS B 144 13.56 -13.48 -2.56
CA CYS B 144 14.43 -14.29 -1.71
C CYS B 144 14.99 -13.47 -0.55
N GLY B 145 15.00 -14.06 0.64
CA GLY B 145 15.47 -13.37 1.82
C GLY B 145 14.42 -12.57 2.57
N SER B 146 13.17 -12.59 2.10
CA SER B 146 12.11 -11.87 2.78
C SER B 146 11.56 -12.59 3.99
N ALA B 147 11.93 -13.86 4.20
CA ALA B 147 11.50 -14.61 5.39
C ALA B 147 11.74 -13.81 6.67
N GLY B 148 10.75 -13.82 7.57
CA GLY B 148 10.79 -13.04 8.79
C GLY B 148 10.10 -11.70 8.68
N SER B 149 9.81 -11.23 7.45
CA SER B 149 9.00 -10.04 7.29
C SER B 149 7.68 -10.23 8.02
N VAL B 150 7.11 -9.13 8.49
CA VAL B 150 6.03 -9.21 9.45
C VAL B 150 4.78 -8.54 8.88
N GLY B 151 3.61 -9.14 9.17
CA GLY B 151 2.32 -8.53 8.89
C GLY B 151 1.59 -8.17 10.16
N TYR B 152 0.73 -7.16 10.09
CA TYR B 152 0.16 -6.60 11.31
C TYR B 152 -1.02 -5.71 10.97
N THR B 153 -1.87 -5.52 11.97
CA THR B 153 -2.91 -4.51 11.99
C THR B 153 -2.66 -3.61 13.19
N LYS B 154 -3.38 -2.50 13.24
CA LYS B 154 -3.29 -1.54 14.33
C LYS B 154 -4.70 -1.16 14.74
N GLU B 155 -4.91 -0.98 16.05
CA GLU B 155 -6.16 -0.44 16.56
C GLU B 155 -5.80 0.50 17.70
N GLY B 156 -6.19 1.76 17.57
CA GLY B 156 -5.64 2.76 18.46
C GLY B 156 -4.14 2.79 18.28
N SER B 157 -3.40 2.61 19.37
CA SER B 157 -1.95 2.55 19.30
C SER B 157 -1.41 1.13 19.50
N VAL B 158 -2.29 0.12 19.55
CA VAL B 158 -1.87 -1.26 19.74
C VAL B 158 -1.65 -1.92 18.38
N ILE B 159 -0.47 -2.50 18.18
CA ILE B 159 -0.16 -3.24 16.96
C ILE B 159 -0.46 -4.72 17.19
N ASN B 160 -1.28 -5.30 16.32
CA ASN B 160 -1.51 -6.75 16.36
C ASN B 160 -0.64 -7.42 15.31
N PHE B 161 0.43 -8.08 15.76
CA PHE B 161 1.26 -8.87 14.88
C PHE B 161 0.56 -10.19 14.57
N CYS B 162 0.29 -10.46 13.28
CA CYS B 162 -0.48 -11.64 12.88
C CYS B 162 0.21 -12.54 11.87
N TYR B 163 1.37 -12.14 11.34
CA TYR B 163 1.99 -12.88 10.26
C TYR B 163 3.49 -12.70 10.31
N MET B 164 4.23 -13.80 10.21
CA MET B 164 5.67 -13.75 9.97
C MET B 164 5.98 -14.62 8.77
N HIS B 165 6.58 -14.02 7.74
CA HIS B 165 6.69 -14.70 6.46
C HIS B 165 7.62 -15.91 6.53
N GLN B 166 7.20 -17.02 5.90
CA GLN B 166 7.95 -18.27 5.97
C GLN B 166 8.45 -18.76 4.61
N MET B 167 7.61 -18.82 3.59
CA MET B 167 8.04 -19.50 2.37
C MET B 167 7.17 -19.13 1.18
N GLU B 168 7.72 -19.37 -0.01
CA GLU B 168 6.99 -19.21 -1.26
C GLU B 168 6.59 -20.59 -1.77
N LEU B 169 5.30 -20.73 -2.11
CA LEU B 169 4.76 -21.98 -2.65
C LEU B 169 4.93 -22.03 -4.17
N ALA B 170 4.66 -23.21 -4.74
CA ALA B 170 4.99 -23.46 -6.15
C ALA B 170 4.27 -22.52 -7.11
N ASN B 171 3.08 -22.02 -6.73
CA ASN B 171 2.27 -21.15 -7.57
C ASN B 171 2.56 -19.67 -7.36
N GLY B 172 3.70 -19.33 -6.74
CA GLY B 172 4.04 -17.94 -6.50
C GLY B 172 3.37 -17.33 -5.28
N THR B 173 2.50 -18.08 -4.61
CA THR B 173 1.82 -17.59 -3.43
C THR B 173 2.72 -17.80 -2.20
N HIS B 174 2.35 -17.19 -1.09
CA HIS B 174 3.21 -17.13 0.09
C HIS B 174 2.46 -17.60 1.33
N THR B 175 3.20 -18.16 2.28
CA THR B 175 2.61 -18.43 3.58
C THR B 175 3.60 -18.14 4.69
N GLY B 176 3.07 -18.03 5.90
CA GLY B 176 3.88 -17.81 7.07
C GLY B 176 3.14 -18.25 8.30
N SER B 177 3.67 -17.83 9.46
CA SER B 177 3.17 -18.25 10.76
C SER B 177 2.45 -17.11 11.45
N ALA B 178 1.49 -17.48 12.30
CA ALA B 178 1.04 -16.61 13.37
C ALA B 178 2.06 -16.66 14.51
N PHE B 179 1.99 -15.65 15.38
CA PHE B 179 3.02 -15.58 16.43
C PHE B 179 2.76 -16.54 17.58
N ASP B 180 1.68 -17.32 17.55
CA ASP B 180 1.64 -18.48 18.41
C ASP B 180 2.50 -19.61 17.86
N GLY B 181 3.07 -19.45 16.67
CA GLY B 181 3.94 -20.43 16.07
C GLY B 181 3.29 -21.35 15.05
N THR B 182 1.97 -21.28 14.86
CA THR B 182 1.31 -22.17 13.92
C THR B 182 1.36 -21.59 12.50
N MET B 183 1.78 -22.41 11.53
CA MET B 183 1.77 -21.99 10.14
C MET B 183 0.34 -21.87 9.63
N TYR B 184 0.02 -20.75 9.00
CA TYR B 184 -1.28 -20.63 8.36
C TYR B 184 -1.45 -21.75 7.33
N GLY B 185 -2.58 -22.44 7.38
CA GLY B 185 -2.82 -23.53 6.44
C GLY B 185 -1.97 -24.77 6.66
N ALA B 186 -1.30 -24.89 7.81
CA ALA B 186 -0.51 -26.05 8.22
C ALA B 186 0.58 -26.42 7.23
N PHE B 187 1.03 -25.49 6.38
CA PHE B 187 2.10 -25.84 5.46
C PHE B 187 3.38 -26.15 6.25
N MET B 188 4.21 -27.02 5.69
CA MET B 188 5.38 -27.50 6.39
C MET B 188 6.62 -26.72 5.94
N ASP B 189 7.44 -26.31 6.90
CA ASP B 189 8.65 -25.55 6.58
C ASP B 189 9.77 -26.52 6.17
N LYS B 190 9.56 -27.15 5.01
CA LYS B 190 10.49 -28.10 4.41
C LYS B 190 10.51 -27.92 2.90
N GLN B 191 11.65 -28.23 2.29
CA GLN B 191 11.77 -28.30 0.83
C GLN B 191 11.07 -29.54 0.33
N VAL B 192 9.74 -29.55 0.45
CA VAL B 192 8.87 -30.60 -0.05
C VAL B 192 7.81 -29.94 -0.90
N HIS B 193 7.54 -30.50 -2.09
CA HIS B 193 6.38 -30.04 -2.83
C HIS B 193 5.13 -30.38 -2.03
N GLN B 194 4.29 -29.38 -1.79
CA GLN B 194 3.06 -29.57 -1.03
C GLN B 194 1.92 -28.87 -1.77
N VAL B 195 0.71 -29.31 -1.46
CA VAL B 195 -0.47 -28.92 -2.22
C VAL B 195 -1.28 -27.90 -1.41
N GLN B 196 -1.49 -26.72 -2.00
CA GLN B 196 -2.42 -25.76 -1.43
C GLN B 196 -3.83 -26.11 -1.88
N LEU B 197 -4.79 -25.90 -0.98
CA LEU B 197 -6.17 -26.12 -1.36
C LEU B 197 -6.60 -25.08 -2.39
N THR B 198 -7.72 -25.36 -3.05
CA THR B 198 -8.26 -24.43 -4.03
C THR B 198 -8.76 -23.17 -3.35
N ASP B 199 -8.42 -22.01 -3.92
CA ASP B 199 -8.88 -20.76 -3.35
C ASP B 199 -10.39 -20.62 -3.51
N LYS B 200 -10.94 -19.60 -2.84
CA LYS B 200 -12.36 -19.29 -2.85
C LYS B 200 -12.54 -17.78 -2.82
N TYR B 201 -13.72 -17.34 -3.25
CA TYR B 201 -14.08 -15.93 -3.04
C TYR B 201 -14.40 -15.72 -1.57
N CYS B 202 -13.86 -14.63 -1.01
CA CYS B 202 -14.21 -14.22 0.35
C CYS B 202 -15.55 -13.51 0.30
N SER B 203 -16.60 -14.20 0.76
CA SER B 203 -17.98 -13.73 0.55
C SER B 203 -18.25 -12.40 1.22
N VAL B 204 -17.76 -12.21 2.45
CA VAL B 204 -18.07 -10.95 3.15
C VAL B 204 -17.40 -9.76 2.45
N ASN B 205 -16.23 -9.98 1.83
CA ASN B 205 -15.57 -8.91 1.08
C ASN B 205 -16.26 -8.63 -0.25
N VAL B 206 -16.82 -9.65 -0.91
CA VAL B 206 -17.61 -9.38 -2.11
C VAL B 206 -18.83 -8.54 -1.75
N VAL B 207 -19.47 -8.84 -0.62
CA VAL B 207 -20.59 -8.03 -0.13
C VAL B 207 -20.14 -6.60 0.10
N ALA B 208 -18.97 -6.42 0.71
CA ALA B 208 -18.46 -5.08 0.95
C ALA B 208 -18.29 -4.32 -0.35
N TRP B 209 -17.77 -5.00 -1.37
CA TRP B 209 -17.53 -4.37 -2.65
C TRP B 209 -18.84 -4.01 -3.35
N LEU B 210 -19.85 -4.87 -3.26
CA LEU B 210 -21.17 -4.51 -3.76
C LEU B 210 -21.73 -3.29 -3.03
N TYR B 211 -21.49 -3.18 -1.73
CA TYR B 211 -21.93 -1.98 -0.99
C TYR B 211 -21.19 -0.74 -1.48
N ALA B 212 -19.87 -0.86 -1.73
CA ALA B 212 -19.16 0.29 -2.28
C ALA B 212 -19.71 0.67 -3.66
N ALA B 213 -20.08 -0.34 -4.46
CA ALA B 213 -20.71 -0.07 -5.75
C ALA B 213 -22.01 0.72 -5.57
N ILE B 214 -22.85 0.30 -4.63
CA ILE B 214 -24.11 0.98 -4.37
C ILE B 214 -23.86 2.41 -3.92
N LEU B 215 -22.85 2.61 -3.05
CA LEU B 215 -22.54 3.94 -2.58
C LEU B 215 -22.07 4.85 -3.70
N ASN B 216 -21.55 4.29 -4.79
CA ASN B 216 -21.09 5.07 -5.93
C ASN B 216 -22.10 5.06 -7.07
N GLY B 217 -23.38 4.84 -6.77
CA GLY B 217 -24.42 4.96 -7.78
C GLY B 217 -24.59 3.76 -8.67
N CYS B 218 -23.87 2.66 -8.42
CA CYS B 218 -23.95 1.47 -9.26
C CYS B 218 -24.69 0.39 -8.46
N ALA B 219 -26.00 0.23 -8.76
CA ALA B 219 -26.86 -0.64 -7.98
C ALA B 219 -27.84 -1.44 -8.84
N TRP B 220 -27.55 -1.63 -10.13
CA TRP B 220 -28.48 -2.35 -11.00
C TRP B 220 -28.69 -3.80 -10.59
N PHE B 221 -27.78 -4.36 -9.79
CA PHE B 221 -27.86 -5.76 -9.38
C PHE B 221 -28.74 -5.97 -8.15
N VAL B 222 -29.26 -4.91 -7.56
CA VAL B 222 -30.05 -5.02 -6.33
C VAL B 222 -31.50 -5.30 -6.72
N LYS B 223 -32.05 -6.41 -6.22
CA LYS B 223 -33.44 -6.77 -6.45
C LYS B 223 -34.11 -6.99 -5.09
N PRO B 224 -35.45 -7.10 -5.01
CA PRO B 224 -36.07 -7.43 -3.72
C PRO B 224 -35.75 -8.85 -3.25
N ASN B 225 -35.41 -9.75 -4.18
CA ASN B 225 -35.13 -11.13 -3.83
C ASN B 225 -34.03 -11.20 -2.76
N ARG B 226 -34.18 -12.15 -1.84
CA ARG B 226 -33.22 -12.33 -0.76
C ARG B 226 -32.79 -13.80 -0.70
N THR B 227 -31.55 -14.01 -0.28
CA THR B 227 -31.07 -15.31 0.13
C THR B 227 -30.59 -15.19 1.57
N SER B 228 -31.14 -16.02 2.45
CA SER B 228 -30.72 -15.98 3.84
C SER B 228 -29.25 -16.41 3.95
N VAL B 229 -28.63 -16.01 5.07
CA VAL B 229 -27.24 -16.40 5.32
C VAL B 229 -27.09 -17.92 5.31
N VAL B 230 -28.00 -18.63 5.98
CA VAL B 230 -27.86 -20.09 6.06
C VAL B 230 -27.99 -20.71 4.67
N SER B 231 -28.93 -20.22 3.86
CA SER B 231 -29.09 -20.75 2.52
C SER B 231 -27.88 -20.42 1.64
N PHE B 232 -27.43 -19.16 1.69
CA PHE B 232 -26.21 -18.78 0.98
C PHE B 232 -25.05 -19.68 1.35
N ASN B 233 -24.88 -19.94 2.65
CA ASN B 233 -23.70 -20.66 3.12
C ASN B 233 -23.69 -22.10 2.64
N GLU B 234 -24.85 -22.75 2.61
CA GLU B 234 -24.89 -24.07 1.99
C GLU B 234 -24.59 -23.99 0.49
N TRP B 235 -25.15 -23.01 -0.21
CA TRP B 235 -24.79 -22.81 -1.61
C TRP B 235 -23.30 -22.58 -1.77
N ALA B 236 -22.70 -21.82 -0.85
CA ALA B 236 -21.30 -21.43 -0.98
C ALA B 236 -20.38 -22.63 -0.98
N LEU B 237 -20.73 -23.68 -0.23
CA LEU B 237 -19.90 -24.87 -0.15
C LEU B 237 -19.72 -25.54 -1.49
N ALA B 238 -20.66 -25.38 -2.40
CA ALA B 238 -20.61 -26.03 -3.70
C ALA B 238 -20.15 -25.11 -4.81
N ASN B 239 -19.87 -23.83 -4.50
CA ASN B 239 -19.64 -22.84 -5.55
C ASN B 239 -18.44 -21.94 -5.26
N GLN B 240 -17.45 -22.44 -4.51
CA GLN B 240 -16.17 -21.75 -4.31
C GLN B 240 -16.32 -20.40 -3.62
N PHE B 241 -17.27 -20.26 -2.70
CA PHE B 241 -17.35 -19.09 -1.84
C PHE B 241 -17.13 -19.50 -0.39
N THR B 242 -16.52 -18.60 0.39
CA THR B 242 -16.46 -18.83 1.83
C THR B 242 -17.83 -18.63 2.45
N GLU B 243 -17.98 -19.16 3.66
CA GLU B 243 -19.19 -18.90 4.43
C GLU B 243 -19.26 -17.41 4.76
N PHE B 244 -20.47 -16.86 4.75
CA PHE B 244 -20.69 -15.48 5.13
C PHE B 244 -20.89 -15.38 6.63
N VAL B 245 -20.10 -14.51 7.27
CA VAL B 245 -20.27 -14.17 8.68
C VAL B 245 -20.42 -12.64 8.77
N GLY B 246 -21.58 -12.20 9.26
CA GLY B 246 -21.82 -10.78 9.36
C GLY B 246 -21.00 -10.15 10.48
N THR B 247 -20.78 -8.84 10.36
CA THR B 247 -20.08 -8.07 11.37
C THR B 247 -20.75 -6.72 11.52
N GLN B 248 -20.38 -6.00 12.58
CA GLN B 248 -20.92 -4.65 12.78
C GLN B 248 -20.50 -3.72 11.65
N SER B 249 -19.31 -3.93 11.08
CA SER B 249 -18.91 -3.12 9.93
C SER B 249 -19.85 -3.33 8.74
N VAL B 250 -20.19 -4.59 8.43
CA VAL B 250 -21.14 -4.83 7.34
C VAL B 250 -22.48 -4.16 7.63
N ASP B 251 -22.92 -4.23 8.89
CA ASP B 251 -24.20 -3.64 9.28
C ASP B 251 -24.25 -2.16 8.98
N MET B 252 -23.14 -1.45 9.22
CA MET B 252 -23.12 -0.01 8.95
C MET B 252 -23.31 0.28 7.47
N LEU B 253 -22.74 -0.57 6.60
CA LEU B 253 -22.98 -0.42 5.17
C LEU B 253 -24.44 -0.67 4.83
N ALA B 254 -25.08 -1.64 5.51
CA ALA B 254 -26.49 -1.90 5.26
C ALA B 254 -27.33 -0.69 5.62
N VAL B 255 -26.99 -0.03 6.73
CA VAL B 255 -27.74 1.15 7.17
C VAL B 255 -27.56 2.31 6.19
N LYS B 256 -26.32 2.57 5.77
CA LYS B 256 -26.07 3.71 4.89
C LYS B 256 -26.80 3.59 3.56
N THR B 257 -26.93 2.37 3.04
CA THR B 257 -27.49 2.17 1.71
C THR B 257 -28.94 1.72 1.72
N GLY B 258 -29.44 1.22 2.85
CA GLY B 258 -30.78 0.69 2.89
C GLY B 258 -30.95 -0.61 2.14
N VAL B 259 -29.86 -1.29 1.81
CA VAL B 259 -29.90 -2.59 1.13
C VAL B 259 -29.46 -3.64 2.12
N ALA B 260 -30.22 -4.73 2.21
CA ALA B 260 -29.94 -5.74 3.22
C ALA B 260 -28.89 -6.71 2.71
N ILE B 261 -28.12 -7.25 3.67
CA ILE B 261 -27.13 -8.28 3.36
C ILE B 261 -27.74 -9.37 2.48
N GLU B 262 -28.95 -9.81 2.81
CA GLU B 262 -29.55 -10.95 2.11
C GLU B 262 -29.89 -10.63 0.65
N GLN B 263 -30.17 -9.36 0.35
CA GLN B 263 -30.32 -8.97 -1.05
C GLN B 263 -29.00 -9.11 -1.81
N LEU B 264 -27.89 -8.75 -1.19
CA LEU B 264 -26.62 -8.89 -1.89
C LEU B 264 -26.18 -10.34 -1.97
N LEU B 265 -26.57 -11.17 -0.99
CA LEU B 265 -26.28 -12.59 -1.09
C LEU B 265 -26.99 -13.21 -2.27
N TYR B 266 -28.25 -12.80 -2.51
CA TYR B 266 -28.95 -13.22 -3.71
C TYR B 266 -28.23 -12.73 -4.97
N ALA B 267 -27.85 -11.45 -4.98
CA ALA B 267 -27.16 -10.88 -6.14
C ALA B 267 -25.88 -11.63 -6.46
N ILE B 268 -25.11 -12.01 -5.44
CA ILE B 268 -23.85 -12.74 -5.65
C ILE B 268 -24.11 -14.06 -6.36
N GLN B 269 -25.18 -14.75 -5.97
CA GLN B 269 -25.54 -16.00 -6.63
C GLN B 269 -25.82 -15.78 -8.11
N GLN B 270 -26.41 -14.64 -8.46
CA GLN B 270 -26.68 -14.36 -9.87
C GLN B 270 -25.43 -13.89 -10.60
N LEU B 271 -24.64 -13.01 -9.98
CA LEU B 271 -23.43 -12.51 -10.63
C LEU B 271 -22.42 -13.62 -10.85
N TYR B 272 -22.40 -14.62 -9.96
CA TYR B 272 -21.49 -15.74 -10.13
C TYR B 272 -21.75 -16.46 -11.45
N THR B 273 -23.01 -16.62 -11.84
CA THR B 273 -23.28 -17.24 -13.14
C THR B 273 -22.99 -16.28 -14.31
N GLY B 274 -22.91 -14.98 -14.04
CA GLY B 274 -22.54 -14.02 -15.07
C GLY B 274 -23.03 -12.63 -14.78
N PHE B 275 -22.24 -11.62 -15.17
CA PHE B 275 -22.68 -10.24 -15.09
C PHE B 275 -23.71 -9.91 -16.15
N GLN B 276 -24.07 -10.92 -16.96
CA GLN B 276 -24.81 -10.75 -18.20
C GLN B 276 -24.11 -9.70 -19.06
N GLY B 277 -24.78 -8.61 -19.38
CA GLY B 277 -24.13 -7.68 -20.28
C GLY B 277 -23.71 -6.36 -19.66
N LYS B 278 -23.47 -6.36 -18.35
CA LYS B 278 -23.26 -5.13 -17.59
C LYS B 278 -21.94 -5.20 -16.84
N GLN B 279 -21.58 -4.07 -16.20
CA GLN B 279 -20.37 -3.97 -15.42
C GLN B 279 -20.69 -3.42 -14.04
N ILE B 280 -19.80 -3.69 -13.08
CA ILE B 280 -19.91 -3.14 -11.73
C ILE B 280 -18.62 -2.41 -11.44
N LEU B 281 -18.71 -1.09 -11.25
CA LEU B 281 -17.54 -0.23 -11.09
C LEU B 281 -16.51 -0.51 -12.19
N GLY B 282 -17.01 -0.62 -13.42
CA GLY B 282 -16.19 -0.82 -14.59
C GLY B 282 -15.64 -2.21 -14.77
N SER B 283 -15.89 -3.13 -13.84
CA SER B 283 -15.32 -4.47 -13.86
C SER B 283 -16.39 -5.51 -14.15
N THR B 284 -15.98 -6.62 -14.79
CA THR B 284 -16.88 -7.73 -15.04
C THR B 284 -16.53 -8.96 -14.22
N MET B 285 -15.74 -8.79 -13.17
CA MET B 285 -15.45 -9.89 -12.25
C MET B 285 -15.63 -9.42 -10.82
N LEU B 286 -15.81 -10.39 -9.93
CA LEU B 286 -16.07 -10.08 -8.54
C LEU B 286 -14.77 -9.68 -7.85
N GLU B 287 -14.86 -8.67 -6.99
CA GLU B 287 -13.71 -8.18 -6.23
C GLU B 287 -13.87 -8.60 -4.78
N ASP B 288 -12.89 -9.33 -4.24
CA ASP B 288 -12.96 -9.73 -2.83
C ASP B 288 -11.73 -9.30 -2.01
N GLU B 289 -10.98 -8.31 -2.46
CA GLU B 289 -9.78 -7.90 -1.74
C GLU B 289 -9.99 -6.67 -0.88
N PHE B 290 -11.20 -6.12 -0.81
CA PHE B 290 -11.50 -5.00 0.08
C PHE B 290 -12.52 -5.43 1.13
N THR B 291 -12.27 -5.03 2.36
CA THR B 291 -13.07 -5.46 3.50
C THR B 291 -14.19 -4.47 3.76
N PRO B 292 -15.21 -4.89 4.53
CA PRO B 292 -16.18 -3.91 5.05
C PRO B 292 -15.54 -2.71 5.73
N GLU B 293 -14.47 -2.93 6.52
CA GLU B 293 -13.79 -1.81 7.17
C GLU B 293 -13.19 -0.85 6.15
N ASP B 294 -12.57 -1.39 5.08
CA ASP B 294 -12.02 -0.57 4.01
C ASP B 294 -13.09 0.35 3.44
N VAL B 295 -14.24 -0.21 3.07
CA VAL B 295 -15.31 0.59 2.48
C VAL B 295 -15.80 1.64 3.46
N ASN B 296 -15.99 1.26 4.74
CA ASN B 296 -16.47 2.21 5.73
C ASN B 296 -15.52 3.39 5.89
N MET B 297 -14.21 3.12 5.94
CA MET B 297 -13.30 4.24 6.19
C MET B 297 -12.97 5.04 4.94
N GLN B 298 -13.13 4.46 3.75
CA GLN B 298 -12.77 5.15 2.51
C GLN B 298 -13.93 5.85 1.82
N ILE B 299 -15.16 5.38 2.00
CA ILE B 299 -16.31 5.96 1.29
C ILE B 299 -17.24 6.75 2.22
C02 X77 C . -9.79 20.10 3.75
C04 X77 C . -11.08 19.65 1.59
C05 X77 C . -11.28 20.28 0.21
C07 X77 C . -12.89 21.33 -1.40
C08 X77 C . -14.34 21.06 -1.77
C09 X77 C . -14.91 22.13 -2.70
C10 X77 C . -13.81 22.84 -3.49
C11 X77 C . -12.86 23.60 -2.58
C12 X77 C . -12.49 22.80 -1.33
C14 X77 C . -10.52 18.26 1.32
C15 X77 C . -11.42 17.09 1.56
C16 X77 C . -10.92 15.71 1.27
C17 X77 C . -9.51 15.52 0.74
C19 X77 C . -9.10 18.07 0.79
C20 X77 C . -9.99 21.87 1.90
C21 X77 C . -11.08 22.87 2.27
C22 X77 C . -10.96 24.33 1.82
C23 X77 C . -9.74 24.75 1.00
C24 X77 C . -9.67 26.23 0.60
C25 X77 C . -10.96 26.65 -0.11
C26 X77 C . -8.48 26.51 -0.27
C27 X77 C . -9.51 26.99 1.93
C28 X77 C . -8.64 23.75 0.63
C29 X77 C . -8.75 22.28 1.09
C30 X77 C . -8.97 21.02 4.66
C31 X77 C . -8.54 20.67 5.92
C33 X77 C . -7.90 22.68 5.49
N03 X77 C . -10.25 20.52 2.41
N06 X77 C . -12.64 20.73 -0.09
N18 X77 C . -8.64 16.69 0.52
N32 X77 C . -7.89 21.69 6.41
N34 X77 C . -8.58 22.25 4.42
O01 X77 C . -10.08 19.02 4.14
O13 X77 C . -10.42 20.38 -0.61
C02 X77 D . 13.96 -17.76 1.03
C04 X77 D . 12.36 -18.86 -0.62
C05 X77 D . 11.40 -20.03 -0.68
C07 X77 D . 10.81 -22.26 -1.64
C08 X77 D . 11.05 -22.95 -2.98
C09 X77 D . 10.50 -24.38 -3.06
C10 X77 D . 9.84 -24.85 -1.77
C11 X77 D . 10.74 -24.61 -0.57
C12 X77 D . 11.05 -23.11 -0.38
C14 X77 D . 11.51 -17.62 -0.79
C15 X77 D . 11.61 -16.87 -2.07
C16 X77 D . 10.76 -15.67 -2.29
C17 X77 D . 9.81 -15.23 -1.19
C19 X77 D . 10.54 -17.19 0.32
C20 X77 D . 13.01 -20.10 1.47
C21 X77 D . 13.99 -21.20 1.10
C22 X77 D . 13.98 -22.51 1.88
C23 X77 D . 12.97 -22.69 3.02
C24 X77 D . 13.01 -24.02 3.77
C25 X77 D . 12.96 -25.13 2.74
C26 X77 D . 11.84 -24.14 4.72
C27 X77 D . 14.35 -24.04 4.54
C28 X77 D . 11.98 -21.58 3.41
C29 X77 D . 12.00 -20.27 2.61
C30 X77 D . 14.79 -17.75 2.33
C31 X77 D . 15.65 -16.76 2.69
C33 X77 D . 15.66 -18.25 4.23
N03 X77 D . 13.10 -18.88 0.65
N06 X77 D . 11.74 -21.14 -1.57
N18 X77 D . 9.71 -15.99 0.07
N32 X77 D . 16.17 -17.07 3.85
N34 X77 D . 14.80 -18.66 3.28
O01 X77 D . 14.03 -16.83 0.30
O13 X77 D . 10.40 -20.05 -0.04
#